data_7PS8
#
_entry.id   7PS8
#
loop_
_entity.id
_entity.type
_entity.pdbx_description
1 polymer "RNA (5'-R(*CP*AP*GP*GP*GP*AP*GP*GP*UP*GP*UP*GP*GP*CP*CP*UP*GP*GP*GP*CP*GP*GP*G)-3')"
2 non-polymer 'POTASSIUM ION'
#
_entity_poly.entity_id   1
_entity_poly.type   'polyribonucleotide'
_entity_poly.pdbx_seq_one_letter_code
;CAGGGAGGUGUGGCCUGGGCGGG
;
_entity_poly.pdbx_strand_id   A
#
loop_
_chem_comp.id
_chem_comp.type
_chem_comp.name
_chem_comp.formula
A RNA linking ADENOSINE-5'-MONOPHOSPHATE 'C10 H14 N5 O7 P'
C RNA linking CYTIDINE-5'-MONOPHOSPHATE 'C9 H14 N3 O8 P'
G RNA linking GUANOSINE-5'-MONOPHOSPHATE 'C10 H14 N5 O8 P'
K non-polymer 'POTASSIUM ION' 'K 1'
U RNA linking URIDINE-5'-MONOPHOSPHATE 'C9 H13 N2 O9 P'
#
# COMPACT_ATOMS: atom_id res chain seq x y z
K K B . -1.58 -0.56 -0.31
K K C . 1.70 0.72 0.41
K K B . -1.71 -0.51 -0.27
K K C . 1.64 0.66 0.56
K K B . 1.13 0.51 0.32
K K C . -1.97 -0.64 -0.45
K K B . 1.36 0.71 0.27
K K C . -1.85 -0.48 -0.47
K K B . 1.50 0.45 0.50
K K C . -1.62 -0.79 -0.37
K K B . 1.59 0.77 0.30
K K C . -1.53 -0.51 -0.50
K K B . -1.46 -0.50 -0.38
K K C . 1.94 0.52 0.60
K K B . -1.89 -0.68 -0.25
K K C . 1.50 0.36 0.64
K K B . 2.02 0.35 -0.16
K K C . -1.30 -0.73 -0.88
K K B . -1.42 -0.36 -0.38
K K C . 1.95 0.71 0.82
#